data_3Q6U
#
_entry.id   3Q6U
#
_cell.length_a   39.720
_cell.length_b   63.808
_cell.length_c   112.630
_cell.angle_alpha   90.000
_cell.angle_beta   90.000
_cell.angle_gamma   90.000
#
_symmetry.space_group_name_H-M   'P 21 21 21'
#
loop_
_entity.id
_entity.type
_entity.pdbx_description
1 polymer 'Hepatocyte growth factor receptor'
2 water water
#
_entity_poly.entity_id   1
_entity_poly.type   'polypeptide(L)'
_entity_poly.pdbx_seq_one_letter_code
;(AME)QNTVHIDLSALNPELVQAVQHVVIGPSSLIVHFNEVIGRGHFGCVYHGTLLDNDGKKIHCAVKSLNRITDIGEVS
QFLTEGIIMKDFSHPNVLSLLGICLRSEGSPLVVLPYMKHGDLRNFIRNETHNPTVKDLIGFGLQVAKGMKYLASKKFVH
RDLAARNCMLDEKFTVKVADFGLARDMYDKEYYSVHNKTGAKLPVKWMALESLQTQKFTTKSDVWSFGVLLWELMTRGAP
PYPDVNTFDITVYLLQGRRLLQPEYCPDPLYEVMLKCWHPKAEMRPSFSELVSRISAIFSTFIGEHHHHHHH
;
_entity_poly.pdbx_strand_id   A
#
# COMPACT_ATOMS: atom_id res chain seq x y z
N GLN A 2 -12.83 -27.18 -9.99
CA GLN A 2 -12.20 -25.90 -9.81
C GLN A 2 -10.71 -25.88 -10.17
N ASN A 3 -9.99 -26.99 -9.97
CA ASN A 3 -8.56 -27.01 -10.29
C ASN A 3 -8.22 -27.33 -11.75
N THR A 4 -9.23 -27.32 -12.64
CA THR A 4 -9.00 -27.62 -14.05
C THR A 4 -9.32 -26.39 -14.87
N VAL A 5 -9.58 -25.25 -14.20
CA VAL A 5 -9.89 -24.03 -14.96
C VAL A 5 -8.78 -23.69 -15.92
N HIS A 6 -9.16 -23.34 -17.15
CA HIS A 6 -8.15 -22.95 -18.13
C HIS A 6 -8.43 -21.52 -18.55
N ILE A 7 -7.44 -20.65 -18.47
CA ILE A 7 -7.62 -19.23 -18.80
C ILE A 7 -7.19 -18.98 -20.21
N ASP A 8 -8.09 -18.40 -21.01
CA ASP A 8 -7.74 -18.07 -22.37
C ASP A 8 -7.06 -16.71 -22.38
N LEU A 9 -5.73 -16.70 -22.55
CA LEU A 9 -4.98 -15.46 -22.54
C LEU A 9 -5.45 -14.53 -23.69
N SER A 10 -5.96 -15.13 -24.76
CA SER A 10 -6.47 -14.38 -25.93
C SER A 10 -7.62 -13.46 -25.49
N ALA A 11 -8.27 -13.80 -24.38
CA ALA A 11 -9.41 -13.01 -23.89
C ALA A 11 -9.04 -11.79 -23.03
N LEU A 12 -7.75 -11.61 -22.75
CA LEU A 12 -7.32 -10.48 -21.92
C LEU A 12 -6.98 -9.30 -22.85
N ASN A 13 -7.05 -8.06 -22.34
CA ASN A 13 -6.70 -6.90 -23.16
C ASN A 13 -5.26 -6.93 -23.65
N PRO A 14 -4.98 -6.24 -24.78
CA PRO A 14 -3.67 -6.19 -25.44
C PRO A 14 -2.52 -5.68 -24.59
N GLU A 15 -2.70 -4.52 -23.97
CA GLU A 15 -1.64 -3.96 -23.14
C GLU A 15 -1.37 -4.90 -21.96
N LEU A 16 -2.42 -5.48 -21.41
CA LEU A 16 -2.25 -6.35 -20.22
C LEU A 16 -1.46 -7.62 -20.54
N VAL A 17 -1.85 -8.33 -21.60
CA VAL A 17 -1.15 -9.56 -21.91
C VAL A 17 0.33 -9.32 -22.27
N GLN A 18 0.60 -8.19 -22.90
CA GLN A 18 1.98 -7.82 -23.27
C GLN A 18 2.81 -7.61 -22.01
N ALA A 19 2.23 -6.91 -21.03
CA ALA A 19 2.94 -6.68 -19.78
C ALA A 19 3.19 -7.98 -19.01
N VAL A 20 2.21 -8.87 -18.97
CA VAL A 20 2.38 -10.12 -18.23
C VAL A 20 3.49 -10.94 -18.84
N GLN A 21 3.60 -10.93 -20.16
CA GLN A 21 4.63 -11.70 -20.87
C GLN A 21 6.05 -11.35 -20.44
N HIS A 22 6.24 -10.10 -20.02
CA HIS A 22 7.56 -9.66 -19.60
C HIS A 22 7.98 -10.11 -18.21
N VAL A 23 7.03 -10.60 -17.42
CA VAL A 23 7.34 -11.02 -16.06
C VAL A 23 6.95 -12.45 -15.70
N VAL A 24 6.79 -13.30 -16.69
CA VAL A 24 6.45 -14.68 -16.42
C VAL A 24 7.47 -15.43 -15.57
N ILE A 25 6.98 -16.27 -14.67
CA ILE A 25 7.81 -17.13 -13.83
C ILE A 25 7.48 -18.58 -14.24
N GLY A 26 8.50 -19.35 -14.63
CA GLY A 26 8.23 -20.74 -15.01
C GLY A 26 7.75 -21.52 -13.78
N PRO A 27 6.80 -22.44 -13.95
CA PRO A 27 6.29 -23.16 -12.78
C PRO A 27 7.34 -23.96 -12.03
N SER A 28 8.32 -24.52 -12.75
CA SER A 28 9.32 -25.33 -12.02
C SER A 28 10.22 -24.50 -11.09
N SER A 29 10.15 -23.17 -11.21
CA SER A 29 10.97 -22.35 -10.32
C SER A 29 10.26 -21.88 -9.07
N LEU A 30 8.98 -22.22 -8.94
CA LEU A 30 8.19 -21.73 -7.83
C LEU A 30 7.55 -22.88 -7.05
N ILE A 31 7.69 -22.80 -5.73
CA ILE A 31 7.04 -23.73 -4.83
C ILE A 31 6.05 -22.91 -3.98
N VAL A 32 4.75 -23.17 -4.13
CA VAL A 32 3.78 -22.43 -3.33
C VAL A 32 3.46 -23.29 -2.10
N HIS A 33 3.62 -22.74 -0.89
CA HIS A 33 3.32 -23.50 0.33
C HIS A 33 1.85 -23.32 0.60
N PHE A 34 1.04 -24.08 -0.14
CA PHE A 34 -0.40 -23.92 -0.10
C PHE A 34 -1.01 -24.20 1.27
N ASN A 35 -0.21 -24.78 2.17
CA ASN A 35 -0.72 -25.06 3.50
C ASN A 35 -0.19 -24.04 4.49
N GLU A 36 0.43 -22.96 3.99
CA GLU A 36 0.99 -21.90 4.86
C GLU A 36 0.41 -20.58 4.38
N VAL A 37 -0.77 -20.24 4.88
CA VAL A 37 -1.51 -19.04 4.47
C VAL A 37 -1.00 -17.81 5.22
N ILE A 38 -0.72 -16.75 4.47
CA ILE A 38 -0.28 -15.48 5.03
C ILE A 38 -1.53 -14.64 5.28
N GLY A 39 -2.47 -14.66 4.35
CA GLY A 39 -3.71 -13.90 4.50
C GLY A 39 -4.79 -14.48 3.64
N ARG A 40 -6.02 -14.43 4.14
CA ARG A 40 -7.16 -14.97 3.42
C ARG A 40 -8.17 -13.86 3.16
N GLY A 41 -8.70 -13.83 1.95
CA GLY A 41 -9.70 -12.86 1.54
C GLY A 41 -10.90 -13.63 1.04
N HIS A 42 -11.91 -12.93 0.55
CA HIS A 42 -13.10 -13.62 0.04
C HIS A 42 -12.78 -14.12 -1.38
N PHE A 43 -12.12 -13.28 -2.15
CA PHE A 43 -11.77 -13.63 -3.51
C PHE A 43 -10.39 -14.27 -3.68
N GLY A 44 -9.45 -13.99 -2.80
CA GLY A 44 -8.15 -14.61 -2.96
C GLY A 44 -7.46 -14.96 -1.66
N CYS A 45 -6.32 -15.61 -1.78
CA CYS A 45 -5.52 -15.99 -0.60
CA CYS A 45 -5.54 -16.04 -0.65
C CYS A 45 -4.07 -15.68 -0.94
N VAL A 46 -3.28 -15.45 0.11
CA VAL A 46 -1.85 -15.16 -0.10
C VAL A 46 -1.14 -16.25 0.70
N TYR A 47 -0.18 -16.91 0.07
CA TYR A 47 0.55 -18.02 0.70
C TYR A 47 2.03 -17.75 0.75
N HIS A 48 2.72 -18.42 1.68
CA HIS A 48 4.16 -18.34 1.62
C HIS A 48 4.60 -19.09 0.36
N GLY A 49 5.73 -18.70 -0.22
CA GLY A 49 6.24 -19.39 -1.39
C GLY A 49 7.77 -19.38 -1.38
N THR A 50 8.37 -20.21 -2.23
CA THR A 50 9.81 -20.21 -2.39
C THR A 50 10.10 -20.18 -3.89
N LEU A 51 10.94 -19.25 -4.34
CA LEU A 51 11.34 -19.18 -5.72
C LEU A 51 12.79 -19.65 -5.79
N LEU A 52 13.14 -20.31 -6.88
CA LEU A 52 14.50 -20.76 -7.04
C LEU A 52 15.11 -19.79 -8.02
N ASP A 53 16.20 -19.13 -7.61
CA ASP A 53 16.86 -18.15 -8.50
C ASP A 53 17.73 -18.80 -9.54
N ASN A 54 18.38 -17.98 -10.37
CA ASN A 54 19.15 -18.53 -11.48
C ASN A 54 20.39 -19.31 -11.05
N ASP A 55 20.75 -19.22 -9.77
CA ASP A 55 21.90 -19.96 -9.28
C ASP A 55 21.47 -21.02 -8.29
N GLY A 56 20.17 -21.23 -8.15
CA GLY A 56 19.70 -22.26 -7.25
C GLY A 56 19.41 -21.76 -5.84
N LYS A 57 19.50 -20.45 -5.61
CA LYS A 57 19.24 -19.94 -4.27
C LYS A 57 17.75 -19.80 -4.05
N LYS A 58 17.34 -20.01 -2.81
CA LYS A 58 15.92 -19.90 -2.47
C LYS A 58 15.61 -18.49 -2.10
N ILE A 59 14.50 -18.00 -2.61
CA ILE A 59 14.04 -16.65 -2.31
C ILE A 59 12.64 -16.83 -1.68
N HIS A 60 12.46 -16.32 -0.46
CA HIS A 60 11.15 -16.36 0.21
C HIS A 60 10.26 -15.32 -0.43
N CYS A 61 9.06 -15.74 -0.83
CA CYS A 61 8.13 -14.81 -1.46
C CYS A 61 6.72 -15.00 -0.93
N ALA A 62 5.81 -14.13 -1.34
CA ALA A 62 4.40 -14.24 -0.98
C ALA A 62 3.71 -14.50 -2.33
N VAL A 63 2.75 -15.42 -2.38
CA VAL A 63 2.12 -15.72 -3.68
C VAL A 63 0.63 -15.51 -3.53
N LYS A 64 0.06 -14.64 -4.35
CA LYS A 64 -1.41 -14.38 -4.29
C LYS A 64 -2.10 -15.24 -5.38
N SER A 65 -3.29 -15.75 -5.05
CA SER A 65 -4.07 -16.56 -6.00
CA SER A 65 -4.06 -16.59 -5.99
C SER A 65 -5.52 -16.18 -5.88
N LEU A 66 -6.32 -16.54 -6.88
CA LEU A 66 -7.77 -16.29 -6.80
C LEU A 66 -8.39 -17.61 -6.33
N ASN A 67 -9.36 -17.53 -5.43
CA ASN A 67 -9.96 -18.74 -4.86
C ASN A 67 -10.86 -19.51 -5.81
N ARG A 68 -11.69 -18.80 -6.54
CA ARG A 68 -12.58 -19.48 -7.48
C ARG A 68 -12.68 -18.55 -8.66
N ILE A 69 -12.45 -19.11 -9.83
CA ILE A 69 -12.50 -18.30 -11.03
C ILE A 69 -13.65 -18.74 -11.90
N THR A 70 -14.54 -17.79 -12.21
CA THR A 70 -15.67 -18.11 -13.06
C THR A 70 -15.70 -17.25 -14.31
N ASP A 71 -15.06 -16.09 -14.29
CA ASP A 71 -15.05 -15.23 -15.46
C ASP A 71 -13.77 -14.47 -15.76
N ILE A 72 -13.57 -14.16 -17.04
CA ILE A 72 -12.36 -13.52 -17.47
C ILE A 72 -12.12 -12.14 -16.85
N GLY A 73 -13.19 -11.41 -16.57
CA GLY A 73 -13.06 -10.09 -15.94
C GLY A 73 -12.36 -10.18 -14.59
N GLU A 74 -12.68 -11.21 -13.80
CA GLU A 74 -12.01 -11.39 -12.50
C GLU A 74 -10.50 -11.56 -12.72
N VAL A 75 -10.16 -12.40 -13.70
CA VAL A 75 -8.75 -12.68 -13.98
C VAL A 75 -8.04 -11.40 -14.43
N SER A 76 -8.68 -10.68 -15.34
CA SER A 76 -8.11 -9.43 -15.81
C SER A 76 -7.83 -8.44 -14.65
N GLN A 77 -8.79 -8.27 -13.77
CA GLN A 77 -8.61 -7.37 -12.62
C GLN A 77 -7.44 -7.82 -11.74
N PHE A 78 -7.40 -9.12 -11.46
CA PHE A 78 -6.34 -9.67 -10.61
C PHE A 78 -4.96 -9.45 -11.23
N LEU A 79 -4.82 -9.71 -12.53
CA LEU A 79 -3.52 -9.55 -13.17
C LEU A 79 -3.15 -8.05 -13.29
N THR A 80 -4.15 -7.20 -13.53
CA THR A 80 -3.90 -5.77 -13.64
C THR A 80 -3.32 -5.28 -12.31
N GLU A 81 -3.90 -5.76 -11.19
CA GLU A 81 -3.39 -5.39 -9.87
C GLU A 81 -1.94 -5.81 -9.67
N GLY A 82 -1.51 -6.93 -10.23
CA GLY A 82 -0.11 -7.31 -10.08
C GLY A 82 0.85 -6.57 -11.00
N ILE A 83 0.43 -6.38 -12.23
CA ILE A 83 1.26 -5.78 -13.24
C ILE A 83 1.52 -4.28 -13.03
N ILE A 84 0.65 -3.64 -12.28
CA ILE A 84 0.75 -2.20 -12.01
C ILE A 84 2.11 -1.82 -11.40
N MET A 85 2.67 -2.71 -10.59
CA MET A 85 3.96 -2.48 -9.92
C MET A 85 5.16 -2.69 -10.80
N LYS A 86 4.94 -3.33 -11.94
CA LYS A 86 6.02 -3.69 -12.80
C LYS A 86 7.05 -2.66 -13.13
N ASP A 87 6.61 -1.47 -13.53
CA ASP A 87 7.54 -0.45 -14.00
C ASP A 87 8.07 0.53 -12.95
N PHE A 88 7.68 0.33 -11.71
CA PHE A 88 8.21 1.23 -10.67
C PHE A 88 9.42 0.59 -10.01
N SER A 89 10.32 1.44 -9.55
CA SER A 89 11.48 0.92 -8.87
C SER A 89 11.89 1.97 -7.86
N HIS A 90 11.45 1.76 -6.62
CA HIS A 90 11.74 2.70 -5.53
C HIS A 90 11.74 1.87 -4.26
N PRO A 91 12.63 2.20 -3.30
CA PRO A 91 12.74 1.41 -2.05
C PRO A 91 11.45 1.44 -1.23
N ASN A 92 10.59 2.42 -1.46
CA ASN A 92 9.35 2.52 -0.67
C ASN A 92 8.10 2.19 -1.47
N VAL A 93 8.27 1.46 -2.57
CA VAL A 93 7.15 1.01 -3.37
C VAL A 93 7.33 -0.52 -3.55
N LEU A 94 6.26 -1.28 -3.28
CA LEU A 94 6.35 -2.74 -3.39
C LEU A 94 6.58 -3.15 -4.84
N SER A 95 7.54 -4.06 -5.04
CA SER A 95 7.90 -4.56 -6.38
CA SER A 95 7.85 -4.53 -6.39
C SER A 95 7.15 -5.85 -6.67
N LEU A 96 7.14 -6.23 -7.94
CA LEU A 96 6.50 -7.46 -8.41
C LEU A 96 7.64 -8.41 -8.80
N LEU A 97 7.61 -9.65 -8.29
CA LEU A 97 8.65 -10.62 -8.68
C LEU A 97 8.26 -11.29 -9.99
N GLY A 98 6.96 -11.52 -10.18
CA GLY A 98 6.52 -12.09 -11.46
C GLY A 98 5.14 -12.72 -11.37
N ILE A 99 4.72 -13.35 -12.47
CA ILE A 99 3.41 -14.00 -12.53
C ILE A 99 3.61 -15.40 -13.06
N CYS A 100 3.06 -16.41 -12.38
CA CYS A 100 3.21 -17.80 -12.84
C CYS A 100 1.86 -18.23 -13.39
N LEU A 101 1.87 -18.75 -14.62
CA LEU A 101 0.63 -19.15 -15.31
C LEU A 101 0.72 -20.63 -15.65
N ARG A 102 0.23 -21.52 -14.78
CA ARG A 102 0.25 -22.96 -15.03
C ARG A 102 -0.82 -23.27 -16.10
N SER A 103 -0.79 -24.47 -16.67
CA SER A 103 -1.79 -24.76 -17.69
C SER A 103 -3.22 -24.67 -17.16
N GLU A 104 -3.42 -25.01 -15.89
CA GLU A 104 -4.74 -24.96 -15.26
C GLU A 104 -4.61 -24.20 -13.96
N GLY A 105 -5.74 -23.73 -13.41
CA GLY A 105 -5.76 -23.03 -12.15
C GLY A 105 -5.55 -21.53 -12.22
N SER A 106 -5.61 -20.89 -11.05
CA SER A 106 -5.45 -19.45 -11.03
C SER A 106 -4.04 -19.06 -11.39
N PRO A 107 -3.86 -17.88 -12.02
CA PRO A 107 -2.54 -17.29 -12.22
C PRO A 107 -2.07 -17.00 -10.78
N LEU A 108 -0.77 -16.94 -10.59
CA LEU A 108 -0.24 -16.66 -9.27
C LEU A 108 0.61 -15.40 -9.41
N VAL A 109 0.34 -14.40 -8.57
CA VAL A 109 1.08 -13.13 -8.57
C VAL A 109 2.10 -13.25 -7.42
N VAL A 110 3.39 -13.14 -7.75
CA VAL A 110 4.45 -13.43 -6.80
C VAL A 110 5.09 -12.13 -6.38
N LEU A 111 5.09 -11.88 -5.08
CA LEU A 111 5.63 -10.64 -4.52
C LEU A 111 6.72 -10.94 -3.53
N PRO A 112 7.55 -9.95 -3.21
CA PRO A 112 8.58 -10.14 -2.19
C PRO A 112 7.89 -10.39 -0.82
N TYR A 113 8.49 -11.25 0.01
CA TYR A 113 7.90 -11.54 1.32
C TYR A 113 8.14 -10.32 2.23
N MET A 114 7.09 -9.96 2.97
CA MET A 114 7.19 -8.80 3.87
C MET A 114 7.04 -9.37 5.30
N LYS A 115 8.17 -9.53 5.96
CA LYS A 115 8.22 -10.17 7.26
C LYS A 115 7.27 -9.56 8.26
N HIS A 116 7.13 -8.23 8.21
CA HIS A 116 6.31 -7.57 9.23
C HIS A 116 4.89 -7.23 8.84
N GLY A 117 4.42 -7.76 7.71
CA GLY A 117 3.07 -7.56 7.29
C GLY A 117 2.66 -6.13 7.03
N ASP A 118 1.40 -5.79 7.27
CA ASP A 118 0.96 -4.43 6.99
C ASP A 118 1.29 -3.47 8.12
N LEU A 119 1.49 -2.21 7.76
CA LEU A 119 1.86 -1.21 8.73
C LEU A 119 0.82 -1.04 9.84
N ARG A 120 -0.45 -1.10 9.50
CA ARG A 120 -1.47 -0.88 10.50
C ARG A 120 -1.38 -1.95 11.60
N ASN A 121 -1.30 -3.19 11.19
CA ASN A 121 -1.23 -4.22 12.23
C ASN A 121 0.08 -4.15 13.02
N PHE A 122 1.17 -3.76 12.36
CA PHE A 122 2.42 -3.69 13.03
C PHE A 122 2.36 -2.65 14.17
N ILE A 123 1.82 -1.47 13.89
CA ILE A 123 1.81 -0.43 14.92
C ILE A 123 0.81 -0.65 16.02
N ARG A 124 -0.13 -1.55 15.77
CA ARG A 124 -1.17 -1.86 16.76
C ARG A 124 -0.69 -2.89 17.78
N ASN A 125 0.42 -3.56 17.46
CA ASN A 125 0.97 -4.63 18.33
C ASN A 125 1.74 -4.08 19.52
N GLU A 126 1.23 -4.35 20.73
CA GLU A 126 1.90 -3.88 21.96
C GLU A 126 3.32 -4.38 22.15
N THR A 127 3.67 -5.47 21.49
CA THR A 127 5.02 -6.00 21.65
C THR A 127 5.99 -5.27 20.74
N HIS A 128 5.45 -4.47 19.82
CA HIS A 128 6.25 -3.68 18.92
C HIS A 128 6.36 -2.30 19.53
N ASN A 129 5.23 -1.75 19.98
CA ASN A 129 5.20 -0.44 20.65
C ASN A 129 6.18 0.56 20.10
N PRO A 130 6.06 0.85 18.80
CA PRO A 130 7.04 1.74 18.18
C PRO A 130 7.15 3.10 18.83
N THR A 131 8.36 3.65 18.86
CA THR A 131 8.55 4.96 19.43
C THR A 131 7.89 6.00 18.57
N VAL A 132 7.64 7.18 19.16
CA VAL A 132 7.11 8.26 18.35
C VAL A 132 8.03 8.55 17.14
N LYS A 133 9.33 8.64 17.37
CA LYS A 133 10.26 8.94 16.25
C LYS A 133 10.21 7.90 15.14
N ASP A 134 10.12 6.61 15.49
CA ASP A 134 9.99 5.63 14.42
C ASP A 134 8.64 5.77 13.66
N LEU A 135 7.55 6.16 14.36
CA LEU A 135 6.27 6.35 13.69
C LEU A 135 6.44 7.51 12.69
N ILE A 136 7.11 8.59 13.13
CA ILE A 136 7.35 9.69 12.19
C ILE A 136 8.18 9.19 11.02
N GLY A 137 9.21 8.39 11.31
CA GLY A 137 10.05 7.80 10.24
C GLY A 137 9.22 6.97 9.25
N PHE A 138 8.27 6.14 9.74
CA PHE A 138 7.43 5.40 8.80
C PHE A 138 6.61 6.33 7.92
N GLY A 139 6.15 7.46 8.48
CA GLY A 139 5.39 8.44 7.68
C GLY A 139 6.33 9.05 6.63
N LEU A 140 7.59 9.34 6.99
CA LEU A 140 8.57 9.86 6.02
C LEU A 140 8.80 8.86 4.87
N GLN A 141 8.91 7.56 5.21
CA GLN A 141 9.10 6.53 4.17
C GLN A 141 7.91 6.49 3.22
N VAL A 142 6.69 6.58 3.74
CA VAL A 142 5.51 6.55 2.88
C VAL A 142 5.50 7.80 1.98
N ALA A 143 5.85 8.95 2.54
CA ALA A 143 5.89 10.16 1.73
C ALA A 143 6.90 10.04 0.59
N LYS A 144 8.02 9.38 0.86
CA LYS A 144 9.08 9.19 -0.17
C LYS A 144 8.58 8.28 -1.28
N GLY A 145 7.84 7.22 -0.90
CA GLY A 145 7.30 6.33 -1.92
C GLY A 145 6.29 7.07 -2.78
N MET A 146 5.44 7.89 -2.15
CA MET A 146 4.41 8.67 -2.83
C MET A 146 5.00 9.80 -3.67
N LYS A 147 6.13 10.37 -3.23
CA LYS A 147 6.77 11.42 -4.04
C LYS A 147 7.23 10.75 -5.35
N TYR A 148 7.77 9.55 -5.25
CA TYR A 148 8.20 8.82 -6.47
C TYR A 148 6.99 8.53 -7.33
N LEU A 149 5.94 7.94 -6.75
CA LEU A 149 4.75 7.62 -7.55
C LEU A 149 4.15 8.87 -8.23
N ALA A 150 4.04 9.97 -7.50
CA ALA A 150 3.48 11.19 -8.06
C ALA A 150 4.35 11.66 -9.24
N SER A 151 5.66 11.51 -9.13
CA SER A 151 6.55 11.95 -10.21
C SER A 151 6.27 11.19 -11.50
N LYS A 152 5.70 10.00 -11.37
CA LYS A 152 5.35 9.16 -12.54
C LYS A 152 3.88 9.37 -12.94
N LYS A 153 3.27 10.41 -12.40
CA LYS A 153 1.86 10.73 -12.63
C LYS A 153 0.95 9.58 -12.20
N PHE A 154 1.41 8.81 -11.21
CA PHE A 154 0.60 7.69 -10.75
C PHE A 154 -0.26 8.08 -9.54
N VAL A 155 -1.56 7.83 -9.62
CA VAL A 155 -2.49 8.11 -8.52
C VAL A 155 -2.88 6.80 -7.80
N HIS A 156 -2.60 6.74 -6.50
CA HIS A 156 -2.81 5.51 -5.74
C HIS A 156 -4.25 5.16 -5.53
N ARG A 157 -5.04 6.15 -5.12
CA ARG A 157 -6.47 6.07 -4.83
C ARG A 157 -6.87 5.34 -3.54
N ASP A 158 -5.98 4.56 -2.94
CA ASP A 158 -6.35 3.84 -1.71
C ASP A 158 -5.22 3.84 -0.71
N LEU A 159 -4.59 4.99 -0.53
CA LEU A 159 -3.49 5.09 0.44
C LEU A 159 -4.04 5.05 1.88
N ALA A 160 -3.52 4.11 2.68
CA ALA A 160 -3.95 3.89 4.07
C ALA A 160 -2.89 3.00 4.71
N ALA A 161 -2.79 3.02 6.05
CA ALA A 161 -1.74 2.21 6.71
C ALA A 161 -1.92 0.70 6.40
N ARG A 162 -3.15 0.24 6.19
CA ARG A 162 -3.36 -1.18 5.90
C ARG A 162 -2.77 -1.62 4.56
N ASN A 163 -2.54 -0.64 3.65
CA ASN A 163 -2.04 -0.87 2.31
C ASN A 163 -0.53 -0.61 2.16
N CYS A 164 0.19 -0.47 3.28
CA CYS A 164 1.64 -0.30 3.24
C CYS A 164 2.21 -1.52 3.96
N MET A 165 3.24 -2.13 3.41
CA MET A 165 3.82 -3.32 4.04
C MET A 165 5.17 -2.97 4.62
N LEU A 166 5.68 -3.83 5.51
CA LEU A 166 6.96 -3.59 6.17
C LEU A 166 7.85 -4.80 6.02
N ASP A 167 9.05 -4.61 5.45
CA ASP A 167 9.97 -5.76 5.30
C ASP A 167 10.84 -6.00 6.52
N GLU A 168 11.73 -6.99 6.43
CA GLU A 168 12.55 -7.37 7.57
C GLU A 168 13.53 -6.30 8.05
N LYS A 169 13.76 -5.26 7.23
CA LYS A 169 14.64 -4.15 7.64
C LYS A 169 13.76 -2.95 8.01
N PHE A 170 12.45 -3.17 8.17
CA PHE A 170 11.51 -2.09 8.54
C PHE A 170 11.48 -1.01 7.47
N THR A 171 11.59 -1.44 6.23
CA THR A 171 11.40 -0.57 5.07
C THR A 171 9.92 -0.64 4.72
N VAL A 172 9.28 0.51 4.61
CA VAL A 172 7.84 0.55 4.31
C VAL A 172 7.70 0.51 2.81
N LYS A 173 6.80 -0.34 2.32
CA LYS A 173 6.55 -0.45 0.87
C LYS A 173 5.11 -0.10 0.56
N VAL A 174 4.86 1.01 -0.14
CA VAL A 174 3.50 1.35 -0.50
C VAL A 174 3.01 0.27 -1.47
N ALA A 175 1.81 -0.22 -1.20
CA ALA A 175 1.23 -1.32 -2.01
C ALA A 175 -0.27 -1.17 -2.24
N ASP A 176 -0.89 -2.27 -2.71
CA ASP A 176 -2.34 -2.35 -2.92
C ASP A 176 -2.97 -1.17 -3.58
N PHE A 177 -2.38 -0.71 -4.68
CA PHE A 177 -2.91 0.45 -5.39
C PHE A 177 -4.39 0.28 -5.71
N GLY A 178 -5.14 1.37 -5.62
CA GLY A 178 -6.57 1.37 -5.90
C GLY A 178 -6.84 1.12 -7.38
N LEU A 199 -14.56 3.43 -2.27
CA LEU A 199 -15.23 3.01 -1.03
C LEU A 199 -14.48 3.25 0.29
N PRO A 200 -13.15 3.46 0.25
CA PRO A 200 -12.48 3.74 1.54
C PRO A 200 -12.78 5.19 1.92
N VAL A 201 -14.06 5.43 2.18
CA VAL A 201 -14.59 6.74 2.46
C VAL A 201 -13.86 7.61 3.45
N LYS A 202 -13.47 7.02 4.58
CA LYS A 202 -12.82 7.80 5.63
C LYS A 202 -11.37 8.22 5.35
N TRP A 203 -10.86 7.81 4.20
CA TRP A 203 -9.51 8.21 3.80
C TRP A 203 -9.60 9.13 2.56
N MET A 204 -10.80 9.29 1.99
CA MET A 204 -10.94 10.08 0.76
C MET A 204 -11.02 11.59 0.90
N ALA A 205 -10.38 12.28 -0.04
CA ALA A 205 -10.40 13.76 -0.09
C ALA A 205 -11.83 14.22 -0.33
N LEU A 206 -12.16 15.39 0.23
CA LEU A 206 -13.50 15.94 0.14
C LEU A 206 -14.00 15.93 -1.30
N GLU A 207 -13.18 16.42 -2.23
CA GLU A 207 -13.57 16.49 -3.64
C GLU A 207 -13.79 15.12 -4.27
N SER A 208 -13.07 14.10 -3.78
CA SER A 208 -13.23 12.74 -4.28
C SER A 208 -14.55 12.17 -3.83
N LEU A 209 -14.96 12.53 -2.61
CA LEU A 209 -16.23 12.07 -2.06
C LEU A 209 -17.40 12.68 -2.83
N GLN A 210 -17.17 13.87 -3.37
CA GLN A 210 -18.23 14.60 -4.08
C GLN A 210 -18.28 14.34 -5.58
N THR A 211 -17.11 14.12 -6.18
CA THR A 211 -16.99 13.94 -7.61
C THR A 211 -16.54 12.56 -8.08
N GLN A 212 -16.04 11.74 -7.17
CA GLN A 212 -15.53 10.41 -7.52
C GLN A 212 -14.30 10.49 -8.40
N LYS A 213 -13.65 11.66 -8.42
CA LYS A 213 -12.42 11.86 -9.18
C LYS A 213 -11.20 11.87 -8.21
N PHE A 214 -10.10 11.27 -8.64
CA PHE A 214 -8.91 11.15 -7.80
C PHE A 214 -7.70 11.72 -8.48
N THR A 215 -6.84 12.39 -7.69
CA THR A 215 -5.66 13.03 -8.21
C THR A 215 -4.54 12.85 -7.20
N THR A 216 -3.36 13.36 -7.54
CA THR A 216 -2.22 13.32 -6.59
C THR A 216 -2.60 14.11 -5.34
N LYS A 217 -3.35 15.21 -5.49
CA LYS A 217 -3.77 15.99 -4.31
C LYS A 217 -4.78 15.23 -3.43
N SER A 218 -5.57 14.32 -4.01
CA SER A 218 -6.46 13.54 -3.16
C SER A 218 -5.63 12.46 -2.44
N ASP A 219 -4.53 11.99 -3.08
CA ASP A 219 -3.62 11.04 -2.43
C ASP A 219 -2.97 11.78 -1.24
N VAL A 220 -2.70 13.08 -1.39
CA VAL A 220 -2.12 13.85 -0.26
C VAL A 220 -3.09 13.88 0.93
N TRP A 221 -4.38 14.04 0.67
CA TRP A 221 -5.40 14.03 1.72
C TRP A 221 -5.29 12.66 2.46
N SER A 222 -5.33 11.59 1.69
CA SER A 222 -5.27 10.22 2.28
C SER A 222 -3.97 10.05 3.09
N PHE A 223 -2.88 10.59 2.58
CA PHE A 223 -1.61 10.53 3.28
C PHE A 223 -1.74 11.17 4.65
N GLY A 224 -2.44 12.31 4.73
CA GLY A 224 -2.63 12.93 6.04
C GLY A 224 -3.37 11.97 6.98
N VAL A 225 -4.40 11.28 6.44
CA VAL A 225 -5.11 10.29 7.30
C VAL A 225 -4.15 9.20 7.72
N LEU A 226 -3.32 8.70 6.80
CA LEU A 226 -2.33 7.67 7.14
C LEU A 226 -1.39 8.18 8.26
N LEU A 227 -0.97 9.44 8.20
CA LEU A 227 -0.10 9.96 9.26
C LEU A 227 -0.82 9.94 10.61
N TRP A 228 -2.11 10.25 10.59
CA TRP A 228 -2.91 10.26 11.83
C TRP A 228 -3.00 8.81 12.33
N GLU A 229 -3.19 7.85 11.43
CA GLU A 229 -3.21 6.44 11.87
C GLU A 229 -1.87 6.12 12.52
N LEU A 230 -0.76 6.58 11.95
CA LEU A 230 0.52 6.25 12.55
C LEU A 230 0.59 6.82 13.95
N MET A 231 0.24 8.09 14.10
CA MET A 231 0.44 8.75 15.40
C MET A 231 -0.53 8.29 16.48
N THR A 232 -1.63 7.66 16.08
CA THR A 232 -2.61 7.10 17.05
C THR A 232 -2.33 5.60 17.23
N ARG A 233 -1.27 5.08 16.63
CA ARG A 233 -1.00 3.64 16.76
C ARG A 233 -2.11 2.79 16.19
N GLY A 234 -2.66 3.24 15.06
CA GLY A 234 -3.64 2.47 14.32
C GLY A 234 -5.08 2.59 14.73
N ALA A 235 -5.45 3.71 15.31
CA ALA A 235 -6.86 3.93 15.67
C ALA A 235 -7.72 4.10 14.40
N PRO A 236 -9.01 3.70 14.45
CA PRO A 236 -9.84 3.92 13.28
C PRO A 236 -10.22 5.41 13.21
N PRO A 237 -10.20 6.00 12.03
CA PRO A 237 -10.54 7.44 11.98
C PRO A 237 -12.05 7.66 12.04
N TYR A 238 -12.44 8.77 12.67
CA TYR A 238 -13.88 9.14 12.79
C TYR A 238 -14.80 7.96 13.08
N PRO A 239 -14.48 7.17 14.11
CA PRO A 239 -15.19 5.93 14.48
C PRO A 239 -16.70 6.10 14.69
N ASP A 240 -17.09 7.26 15.20
CA ASP A 240 -18.49 7.62 15.49
C ASP A 240 -19.25 8.30 14.33
N VAL A 241 -18.57 8.56 13.22
CA VAL A 241 -19.24 9.22 12.11
C VAL A 241 -19.57 8.19 11.04
N ASN A 242 -20.86 8.03 10.75
CA ASN A 242 -21.25 7.08 9.76
C ASN A 242 -20.60 7.44 8.43
N THR A 243 -20.27 6.41 7.67
CA THR A 243 -19.67 6.57 6.35
C THR A 243 -20.50 7.49 5.46
N PHE A 244 -21.83 7.38 5.54
CA PHE A 244 -22.67 8.21 4.69
C PHE A 244 -22.75 9.68 5.12
N ASP A 245 -22.20 9.97 6.29
CA ASP A 245 -22.21 11.33 6.82
C ASP A 245 -20.85 12.06 6.77
N ILE A 246 -19.82 11.35 6.34
CA ILE A 246 -18.49 11.94 6.27
C ILE A 246 -18.36 13.19 5.41
N THR A 247 -18.97 13.20 4.22
CA THR A 247 -18.86 14.39 3.35
C THR A 247 -19.34 15.66 4.08
N VAL A 248 -20.50 15.58 4.70
CA VAL A 248 -21.03 16.76 5.38
C VAL A 248 -20.20 17.16 6.59
N TYR A 249 -19.72 16.15 7.32
CA TYR A 249 -18.88 16.40 8.50
C TYR A 249 -17.68 17.24 8.07
N LEU A 250 -17.03 16.84 6.96
CA LEU A 250 -15.88 17.55 6.44
C LEU A 250 -16.20 18.94 5.88
N LEU A 251 -17.38 19.10 5.29
CA LEU A 251 -17.76 20.41 4.72
C LEU A 251 -17.98 21.42 5.84
N GLN A 252 -18.31 20.92 7.03
CA GLN A 252 -18.48 21.78 8.20
C GLN A 252 -17.11 22.18 8.78
N GLY A 253 -16.03 21.77 8.12
CA GLY A 253 -14.67 22.11 8.50
C GLY A 253 -14.01 21.25 9.58
N ARG A 254 -14.71 20.22 10.05
CA ARG A 254 -14.17 19.39 11.12
C ARG A 254 -13.12 18.43 10.56
N ARG A 255 -12.13 18.12 11.39
CA ARG A 255 -11.04 17.25 10.95
C ARG A 255 -10.65 16.35 12.11
N LEU A 256 -9.86 15.34 11.80
CA LEU A 256 -9.35 14.44 12.83
C LEU A 256 -8.54 15.29 13.82
N LEU A 257 -8.68 14.98 15.12
CA LEU A 257 -8.00 15.77 16.14
C LEU A 257 -6.59 15.31 16.43
N GLN A 258 -5.77 16.22 16.97
CA GLN A 258 -4.37 15.89 17.27
C GLN A 258 -4.24 14.72 18.22
N PRO A 259 -3.51 13.68 17.80
CA PRO A 259 -3.37 12.54 18.71
C PRO A 259 -2.51 12.91 19.91
N GLU A 260 -2.75 12.21 20.99
CA GLU A 260 -1.93 12.45 22.17
C GLU A 260 -0.46 12.10 21.84
N TYR A 261 0.48 12.89 22.33
CA TYR A 261 1.92 12.66 22.07
C TYR A 261 2.42 12.98 20.67
N CYS A 262 1.52 13.38 19.77
CA CYS A 262 1.94 13.72 18.41
C CYS A 262 2.54 15.12 18.45
N PRO A 263 3.74 15.28 17.89
CA PRO A 263 4.36 16.60 17.93
C PRO A 263 3.55 17.64 17.18
N ASP A 264 3.44 18.83 17.77
CA ASP A 264 2.68 19.89 17.14
C ASP A 264 3.00 20.15 15.67
N PRO A 265 4.28 20.24 15.29
CA PRO A 265 4.58 20.46 13.85
C PRO A 265 4.04 19.37 12.92
N LEU A 266 4.00 18.12 13.38
CA LEU A 266 3.48 17.06 12.52
C LEU A 266 1.97 17.17 12.36
N TYR A 267 1.26 17.58 13.41
CA TYR A 267 -0.18 17.77 13.28
C TYR A 267 -0.45 18.93 12.30
N GLU A 268 0.38 19.96 12.30
CA GLU A 268 0.20 21.06 11.36
C GLU A 268 0.32 20.47 9.94
N VAL A 269 1.26 19.54 9.76
CA VAL A 269 1.39 18.89 8.44
C VAL A 269 0.10 18.16 8.08
N MET A 270 -0.47 17.40 9.02
CA MET A 270 -1.72 16.68 8.73
C MET A 270 -2.82 17.68 8.34
N LEU A 271 -2.95 18.78 9.09
CA LEU A 271 -3.98 19.75 8.76
C LEU A 271 -3.79 20.31 7.36
N LYS A 272 -2.55 20.54 6.94
CA LYS A 272 -2.27 21.05 5.59
C LYS A 272 -2.77 20.03 4.52
N CYS A 273 -2.59 18.73 4.81
CA CYS A 273 -3.01 17.69 3.87
C CYS A 273 -4.53 17.65 3.69
N TRP A 274 -5.28 18.17 4.66
CA TRP A 274 -6.74 18.11 4.59
C TRP A 274 -7.37 19.49 4.24
N HIS A 275 -6.59 20.34 3.59
CA HIS A 275 -7.14 21.65 3.17
C HIS A 275 -8.31 21.36 2.22
N PRO A 276 -9.45 22.08 2.38
CA PRO A 276 -10.58 21.78 1.51
C PRO A 276 -10.32 22.07 0.05
N LYS A 277 -9.30 22.88 -0.23
CA LYS A 277 -8.94 23.20 -1.61
C LYS A 277 -7.70 22.41 -2.04
N ALA A 278 -7.88 21.44 -2.93
CA ALA A 278 -6.80 20.59 -3.41
C ALA A 278 -5.53 21.33 -3.77
N GLU A 279 -5.67 22.44 -4.50
CA GLU A 279 -4.53 23.23 -4.91
C GLU A 279 -3.70 23.82 -3.75
N MET A 280 -4.30 23.96 -2.57
CA MET A 280 -3.60 24.52 -1.40
C MET A 280 -2.83 23.44 -0.63
N ARG A 281 -3.04 22.17 -0.95
CA ARG A 281 -2.32 21.11 -0.22
C ARG A 281 -0.90 21.03 -0.65
N PRO A 282 -0.01 20.60 0.27
CA PRO A 282 1.39 20.47 -0.18
C PRO A 282 1.53 19.36 -1.16
N SER A 283 2.64 19.40 -1.91
CA SER A 283 2.94 18.32 -2.83
C SER A 283 3.66 17.24 -2.00
N PHE A 284 3.84 16.05 -2.56
CA PHE A 284 4.59 15.04 -1.80
C PHE A 284 6.05 15.42 -1.63
N SER A 285 6.59 16.17 -2.59
CA SER A 285 7.99 16.60 -2.46
C SER A 285 8.12 17.51 -1.23
N GLU A 286 7.15 18.40 -1.08
CA GLU A 286 7.11 19.33 0.04
C GLU A 286 6.89 18.57 1.35
N LEU A 287 6.06 17.53 1.29
CA LEU A 287 5.83 16.71 2.49
C LEU A 287 7.10 15.96 2.89
N VAL A 288 7.85 15.44 1.91
CA VAL A 288 9.09 14.78 2.27
C VAL A 288 10.01 15.77 2.98
N SER A 289 10.18 16.96 2.40
CA SER A 289 11.07 17.93 3.03
C SER A 289 10.60 18.32 4.45
N ARG A 290 9.31 18.55 4.61
CA ARG A 290 8.80 18.98 5.91
CA ARG A 290 8.79 18.98 5.92
C ARG A 290 8.93 17.87 6.94
N ILE A 291 8.53 16.67 6.56
CA ILE A 291 8.62 15.59 7.54
C ILE A 291 10.04 15.22 7.86
N SER A 292 10.93 15.31 6.87
CA SER A 292 12.29 15.01 7.14
CA SER A 292 12.33 15.06 7.09
C SER A 292 12.87 16.03 8.14
N ALA A 293 12.47 17.28 8.02
CA ALA A 293 12.92 18.31 8.96
C ALA A 293 12.39 18.05 10.37
N ILE A 294 11.13 17.62 10.46
CA ILE A 294 10.54 17.28 11.76
C ILE A 294 11.25 16.08 12.37
N PHE A 295 11.48 15.04 11.56
CA PHE A 295 12.20 13.87 12.04
C PHE A 295 13.57 14.24 12.56
N SER A 296 14.29 15.07 11.81
CA SER A 296 15.67 15.41 12.19
C SER A 296 15.75 16.27 13.43
N THR A 297 14.68 17.00 13.74
CA THR A 297 14.69 17.87 14.93
C THR A 297 13.99 17.28 16.16
N PHE A 298 13.36 16.11 16.01
CA PHE A 298 12.72 15.46 17.17
C PHE A 298 13.78 14.50 17.67
N ILE A 299 14.39 14.84 18.81
CA ILE A 299 15.46 14.05 19.36
C ILE A 299 14.86 13.09 20.37
N GLY A 300 14.50 11.91 19.88
CA GLY A 300 13.94 10.87 20.72
C GLY A 300 14.52 9.53 20.37
N GLU A 301 14.01 8.52 21.06
CA GLU A 301 14.49 7.15 20.86
C GLU A 301 14.03 6.65 19.51
N HIS A 302 14.88 5.93 18.78
CA HIS A 302 14.42 5.28 17.56
C HIS A 302 15.29 4.10 17.26
N HIS A 303 14.68 3.09 16.67
CA HIS A 303 15.41 1.86 16.38
C HIS A 303 15.55 1.50 14.91
N HIS A 304 14.76 2.17 14.05
CA HIS A 304 14.79 1.84 12.62
C HIS A 304 15.42 2.92 11.74
N HIS A 305 15.78 2.51 10.52
CA HIS A 305 16.45 3.36 9.57
C HIS A 305 15.45 3.78 8.51
N HIS A 306 15.27 5.08 8.36
CA HIS A 306 14.24 5.56 7.49
C HIS A 306 14.72 6.40 6.34
N HIS A 307 16.03 6.48 6.14
CA HIS A 307 16.53 7.39 5.12
C HIS A 307 16.98 6.76 3.82
N HIS A 308 16.16 5.87 3.29
CA HIS A 308 16.47 5.21 2.02
C HIS A 308 16.73 6.23 0.91
#